data_5DGM
#
_entry.id   5DGM
#
_cell.length_a   110.723
_cell.length_b   110.723
_cell.length_c   76.775
_cell.angle_alpha   90.000
_cell.angle_beta   90.000
_cell.angle_gamma   90.000
#
_symmetry.space_group_name_H-M   'P 41 21 2'
#
loop_
_entity.id
_entity.type
_entity.pdbx_description
1 polymer 'Farnesyl pyrophosphate synthase'
2 non-polymer '{2-[(phosphonomethyl)carbamoyl]-1H-benzo[g]indol-1-yl}acetic acid'
3 non-polymer 'PHOSPHATE ION'
4 water water
#
_entity_poly.entity_id   1
_entity_poly.type   'polypeptide(L)'
_entity_poly.pdbx_seq_one_letter_code
;GPNSDVYAQEKQDFVQHFSQIVRVLTEDEMGHPEIGDAIARLKEVLEYNAIGGKYNRGLTVVVAFRELVEPRKQDADSLQ
RAWTVGWCVELLQAFFLVADDIMDSSLTRRGQICWYQKPGVGLDAINDANLLEACIYRLLKLYCREQPYYLNLIELFLQS
SYQTEIGQTLDLLTAPQGNVDLVRFTEKRYKSIVKYKTAFYSFYLPIAAAMYMAGIDGEKEHANAKKILLEMGEFFQIQD
DYLDLFGDPSVTGKIGTDIQDNKCSWLVVQCLQRATPEQYQILKENYGQKEAEKVARVKALYEELDLPAVFLQYEEDSYS
HIMALIEQYAAPLPPAVFLGLARKIYKRRK
;
_entity_poly.pdbx_strand_id   F
#
loop_
_chem_comp.id
_chem_comp.type
_chem_comp.name
_chem_comp.formula
59Z non-polymer '{2-[(phosphonomethyl)carbamoyl]-1H-benzo[g]indol-1-yl}acetic acid' 'C16 H15 N2 O6 P'
PO4 non-polymer 'PHOSPHATE ION' 'O4 P -3'
#
# COMPACT_ATOMS: atom_id res chain seq x y z
N ASP A 5 7.40 -14.19 15.59
CA ASP A 5 6.79 -12.87 15.35
C ASP A 5 5.28 -12.91 15.06
N VAL A 6 4.50 -12.01 15.73
CA VAL A 6 3.02 -11.85 15.61
C VAL A 6 2.58 -12.01 14.15
N TYR A 7 3.39 -11.41 13.24
CA TYR A 7 3.27 -11.43 11.80
C TYR A 7 3.66 -12.81 11.24
N ALA A 8 4.93 -13.23 11.43
CA ALA A 8 5.49 -14.49 10.92
C ALA A 8 4.66 -15.71 11.31
N GLN A 9 4.07 -15.66 12.52
CA GLN A 9 3.22 -16.69 13.09
C GLN A 9 1.90 -16.73 12.36
N GLU A 10 1.08 -15.66 12.49
CA GLU A 10 -0.24 -15.55 11.89
C GLU A 10 -0.29 -15.50 10.36
N LYS A 11 0.87 -15.29 9.67
CA LYS A 11 0.88 -15.28 8.20
C LYS A 11 0.29 -16.56 7.62
N GLN A 12 0.49 -17.71 8.28
CA GLN A 12 -0.04 -19.02 7.91
C GLN A 12 -1.59 -19.02 7.96
N ASP A 13 -2.19 -18.67 9.13
CA ASP A 13 -3.65 -18.62 9.35
C ASP A 13 -4.32 -17.60 8.42
N PHE A 14 -3.61 -16.47 8.17
CA PHE A 14 -4.09 -15.42 7.29
C PHE A 14 -4.18 -15.99 5.88
N VAL A 15 -3.07 -16.54 5.35
CA VAL A 15 -3.05 -17.15 4.02
C VAL A 15 -3.98 -18.40 3.92
N GLN A 16 -4.16 -19.17 5.00
CA GLN A 16 -5.05 -20.33 4.95
C GLN A 16 -6.53 -19.95 4.91
N HIS A 17 -6.88 -18.74 5.42
CA HIS A 17 -8.25 -18.22 5.41
C HIS A 17 -8.67 -17.82 3.99
N PHE A 18 -7.69 -17.53 3.11
CA PHE A 18 -7.96 -17.19 1.71
C PHE A 18 -8.77 -18.26 1.00
N SER A 19 -8.57 -19.55 1.32
CA SER A 19 -9.34 -20.65 0.71
C SER A 19 -10.83 -20.48 0.97
N GLN A 20 -11.21 -20.05 2.21
CA GLN A 20 -12.58 -19.77 2.62
C GLN A 20 -13.08 -18.49 1.91
N ILE A 21 -12.29 -17.38 1.96
CA ILE A 21 -12.61 -16.10 1.32
C ILE A 21 -13.11 -16.40 -0.09
N VAL A 22 -12.33 -17.18 -0.86
CA VAL A 22 -12.68 -17.60 -2.22
C VAL A 22 -13.97 -18.42 -2.27
N ARG A 23 -14.09 -19.48 -1.43
CA ARG A 23 -15.27 -20.34 -1.37
C ARG A 23 -16.55 -19.50 -1.17
N VAL A 24 -16.49 -18.58 -0.21
CA VAL A 24 -17.54 -17.66 0.19
C VAL A 24 -17.98 -16.70 -0.95
N LEU A 25 -16.99 -16.11 -1.67
CA LEU A 25 -17.27 -15.18 -2.77
C LEU A 25 -17.74 -15.87 -4.02
N THR A 26 -17.47 -17.18 -4.13
CA THR A 26 -17.86 -18.00 -5.28
C THR A 26 -19.05 -18.91 -4.92
N GLU A 27 -19.89 -18.43 -3.98
CA GLU A 27 -21.07 -19.15 -3.46
C GLU A 27 -22.44 -18.62 -3.92
N ASP A 28 -22.50 -17.43 -4.59
CA ASP A 28 -23.75 -16.87 -5.15
C ASP A 28 -24.14 -17.59 -6.48
N GLU A 29 -23.21 -18.47 -6.95
CA GLU A 29 -23.29 -19.36 -8.12
C GLU A 29 -24.32 -20.48 -7.86
N MET A 30 -24.52 -20.85 -6.57
CA MET A 30 -25.44 -21.91 -6.14
C MET A 30 -26.89 -21.64 -6.58
N GLY A 31 -27.41 -20.47 -6.21
CA GLY A 31 -28.76 -20.04 -6.57
C GLY A 31 -28.88 -19.65 -8.03
N HIS A 32 -27.80 -19.05 -8.59
CA HIS A 32 -27.74 -18.58 -9.98
C HIS A 32 -26.59 -19.24 -10.80
N PRO A 33 -26.80 -20.48 -11.33
CA PRO A 33 -25.75 -21.15 -12.12
C PRO A 33 -25.56 -20.53 -13.50
N GLU A 34 -26.50 -19.66 -13.86
CA GLU A 34 -26.57 -18.87 -15.08
C GLU A 34 -25.29 -18.01 -15.29
N ILE A 35 -24.62 -17.61 -14.16
CA ILE A 35 -23.43 -16.75 -14.11
C ILE A 35 -22.16 -17.48 -13.67
N GLY A 36 -22.26 -18.81 -13.59
CA GLY A 36 -21.18 -19.69 -13.18
C GLY A 36 -19.85 -19.38 -13.83
N ASP A 37 -19.88 -19.14 -15.16
CA ASP A 37 -18.73 -18.80 -15.98
C ASP A 37 -18.04 -17.51 -15.52
N ALA A 38 -18.83 -16.47 -15.16
CA ALA A 38 -18.29 -15.20 -14.65
C ALA A 38 -17.63 -15.38 -13.28
N ILE A 39 -18.18 -16.28 -12.45
CA ILE A 39 -17.68 -16.58 -11.12
C ILE A 39 -16.42 -17.42 -11.19
N ALA A 40 -16.33 -18.23 -12.26
CA ALA A 40 -15.18 -19.08 -12.53
C ALA A 40 -14.00 -18.15 -12.86
N ARG A 41 -14.26 -17.06 -13.64
CA ARG A 41 -13.28 -16.01 -13.95
C ARG A 41 -12.98 -15.25 -12.66
N LEU A 42 -14.04 -14.84 -11.92
CA LEU A 42 -13.88 -14.14 -10.65
C LEU A 42 -12.93 -14.94 -9.71
N LYS A 43 -13.00 -16.29 -9.72
CA LYS A 43 -12.13 -17.14 -8.90
C LYS A 43 -10.66 -16.95 -9.32
N GLU A 44 -10.42 -17.08 -10.63
CA GLU A 44 -9.14 -16.94 -11.31
C GLU A 44 -8.55 -15.54 -10.99
N VAL A 45 -9.39 -14.48 -11.02
CA VAL A 45 -8.96 -13.10 -10.70
C VAL A 45 -8.31 -13.04 -9.28
N LEU A 46 -9.02 -13.56 -8.25
CA LEU A 46 -8.59 -13.61 -6.84
C LEU A 46 -7.34 -14.47 -6.64
N GLU A 47 -7.34 -15.70 -7.16
CA GLU A 47 -6.22 -16.63 -7.03
C GLU A 47 -4.93 -15.97 -7.52
N TYR A 48 -5.01 -15.33 -8.71
CA TYR A 48 -3.88 -14.69 -9.35
C TYR A 48 -3.46 -13.37 -8.73
N ASN A 49 -4.42 -12.56 -8.28
CA ASN A 49 -4.13 -11.21 -7.82
C ASN A 49 -4.04 -10.93 -6.34
N ALA A 50 -4.81 -11.65 -5.50
CA ALA A 50 -4.73 -11.44 -4.05
C ALA A 50 -3.56 -12.24 -3.46
N ILE A 51 -3.19 -13.34 -4.11
CA ILE A 51 -2.08 -14.16 -3.65
C ILE A 51 -0.76 -13.77 -4.29
N GLY A 52 0.32 -13.91 -3.54
CA GLY A 52 1.66 -13.66 -4.06
C GLY A 52 2.50 -12.59 -3.39
N GLY A 53 1.86 -11.69 -2.64
CA GLY A 53 2.55 -10.62 -1.94
C GLY A 53 2.93 -10.97 -0.51
N LYS A 54 3.35 -9.96 0.27
CA LYS A 54 3.74 -10.14 1.67
C LYS A 54 2.57 -10.17 2.70
N TYR A 55 1.36 -9.71 2.32
CA TYR A 55 0.12 -9.70 3.13
C TYR A 55 0.22 -8.88 4.41
N ASN A 56 1.19 -7.96 4.47
CA ASN A 56 1.46 -7.14 5.65
C ASN A 56 0.37 -6.17 6.02
N ARG A 57 -0.24 -5.53 5.04
CA ARG A 57 -1.36 -4.64 5.32
C ARG A 57 -2.52 -5.46 5.90
N GLY A 58 -2.84 -6.61 5.26
CA GLY A 58 -3.89 -7.51 5.70
C GLY A 58 -3.61 -8.07 7.08
N LEU A 59 -2.34 -8.47 7.33
CA LEU A 59 -1.89 -8.99 8.61
C LEU A 59 -2.03 -7.95 9.72
N THR A 60 -1.75 -6.65 9.43
CA THR A 60 -1.84 -5.54 10.39
C THR A 60 -3.21 -5.50 11.05
N VAL A 61 -4.29 -5.69 10.24
CA VAL A 61 -5.67 -5.72 10.75
C VAL A 61 -5.76 -6.81 11.84
N VAL A 62 -5.27 -8.05 11.56
CA VAL A 62 -5.36 -9.21 12.47
C VAL A 62 -4.60 -8.95 13.78
N VAL A 63 -3.35 -8.53 13.63
CA VAL A 63 -2.41 -8.18 14.69
C VAL A 63 -3.00 -7.05 15.54
N ALA A 64 -3.40 -5.91 14.90
CA ALA A 64 -3.96 -4.77 15.62
C ALA A 64 -5.23 -5.13 16.37
N PHE A 65 -6.11 -5.97 15.77
CA PHE A 65 -7.35 -6.45 16.38
C PHE A 65 -7.05 -7.22 17.66
N ARG A 66 -6.08 -8.15 17.61
CA ARG A 66 -5.71 -8.91 18.79
C ARG A 66 -5.23 -7.99 19.90
N GLU A 67 -4.42 -7.00 19.54
CA GLU A 67 -3.84 -6.04 20.48
C GLU A 67 -4.85 -5.07 21.09
N LEU A 68 -5.86 -4.65 20.33
CA LEU A 68 -6.90 -3.68 20.76
C LEU A 68 -8.08 -4.29 21.55
N VAL A 69 -8.31 -5.62 21.40
CA VAL A 69 -9.43 -6.37 21.97
C VAL A 69 -9.04 -7.26 23.16
N GLU A 70 -9.89 -7.25 24.22
CA GLU A 70 -9.78 -8.09 25.42
C GLU A 70 -9.81 -9.57 24.99
N PRO A 71 -8.78 -10.39 25.34
CA PRO A 71 -8.74 -11.78 24.83
C PRO A 71 -10.01 -12.65 24.90
N ARG A 72 -10.99 -12.26 25.73
CA ARG A 72 -12.24 -13.01 25.88
C ARG A 72 -13.26 -12.67 24.79
N LYS A 73 -13.11 -11.52 24.15
CA LYS A 73 -13.99 -11.12 23.06
C LYS A 73 -13.50 -11.72 21.73
N GLN A 74 -12.29 -12.32 21.72
CA GLN A 74 -11.64 -12.97 20.58
C GLN A 74 -12.12 -14.43 20.48
N ASP A 75 -13.39 -14.62 20.10
CA ASP A 75 -14.04 -15.92 19.89
C ASP A 75 -13.85 -16.31 18.40
N ALA A 76 -14.30 -17.53 18.02
CA ALA A 76 -14.19 -18.05 16.64
C ALA A 76 -14.59 -17.00 15.59
N ASP A 77 -15.80 -16.44 15.74
CA ASP A 77 -16.41 -15.45 14.87
C ASP A 77 -15.64 -14.14 14.75
N SER A 78 -15.24 -13.54 15.90
CA SER A 78 -14.48 -12.28 15.96
C SER A 78 -13.20 -12.36 15.11
N LEU A 79 -12.48 -13.49 15.20
CA LEU A 79 -11.25 -13.75 14.46
C LEU A 79 -11.54 -14.01 12.97
N GLN A 80 -12.66 -14.72 12.67
CA GLN A 80 -13.12 -14.99 11.31
C GLN A 80 -13.37 -13.66 10.62
N ARG A 81 -13.90 -12.68 11.37
CA ARG A 81 -14.18 -11.32 10.87
C ARG A 81 -12.89 -10.52 10.75
N ALA A 82 -11.94 -10.70 11.67
CA ALA A 82 -10.66 -10.01 11.63
C ALA A 82 -9.84 -10.44 10.40
N TRP A 83 -9.79 -11.79 10.09
CA TRP A 83 -9.09 -12.36 8.92
C TRP A 83 -9.74 -11.83 7.66
N THR A 84 -11.09 -11.80 7.65
CA THR A 84 -11.89 -11.32 6.51
C THR A 84 -11.59 -9.87 6.22
N VAL A 85 -11.69 -9.01 7.24
CA VAL A 85 -11.42 -7.57 7.09
C VAL A 85 -9.97 -7.34 6.65
N GLY A 86 -9.07 -8.19 7.16
CA GLY A 86 -7.66 -8.22 6.74
C GLY A 86 -7.60 -8.49 5.25
N TRP A 87 -8.30 -9.53 4.80
CA TRP A 87 -8.39 -9.88 3.39
C TRP A 87 -9.00 -8.78 2.49
N CYS A 88 -9.96 -8.02 3.02
CA CYS A 88 -10.58 -6.90 2.30
C CYS A 88 -9.53 -5.86 1.93
N VAL A 89 -8.57 -5.58 2.83
CA VAL A 89 -7.44 -4.66 2.63
C VAL A 89 -6.56 -5.20 1.47
N GLU A 90 -6.28 -6.51 1.51
CA GLU A 90 -5.51 -7.16 0.45
C GLU A 90 -6.29 -7.05 -0.87
N LEU A 91 -7.61 -7.30 -0.82
CA LEU A 91 -8.46 -7.21 -2.00
C LEU A 91 -8.50 -5.81 -2.58
N LEU A 92 -8.54 -4.79 -1.69
CA LEU A 92 -8.47 -3.36 -2.05
C LEU A 92 -7.12 -3.13 -2.78
N GLN A 93 -6.03 -3.60 -2.16
CA GLN A 93 -4.70 -3.47 -2.75
C GLN A 93 -4.62 -4.17 -4.12
N ALA A 94 -5.10 -5.44 -4.23
CA ALA A 94 -5.17 -6.20 -5.48
C ALA A 94 -5.88 -5.37 -6.57
N PHE A 95 -7.01 -4.71 -6.22
CA PHE A 95 -7.75 -3.86 -7.15
C PHE A 95 -6.88 -2.71 -7.63
N PHE A 96 -6.09 -2.03 -6.74
CA PHE A 96 -5.19 -0.93 -7.18
C PHE A 96 -4.05 -1.40 -8.04
N LEU A 97 -3.36 -2.47 -7.64
CA LEU A 97 -2.20 -2.98 -8.34
C LEU A 97 -2.55 -3.45 -9.73
N VAL A 98 -3.67 -4.18 -9.89
CA VAL A 98 -4.11 -4.62 -11.20
C VAL A 98 -4.29 -3.38 -12.09
N ALA A 99 -5.02 -2.36 -11.60
CA ALA A 99 -5.26 -1.14 -12.36
C ALA A 99 -4.03 -0.27 -12.56
N ASP A 100 -3.21 -0.11 -11.52
CA ASP A 100 -1.97 0.70 -11.65
C ASP A 100 -1.05 0.13 -12.71
N ASP A 101 -0.88 -1.22 -12.72
CA ASP A 101 -0.11 -1.99 -13.70
C ASP A 101 -0.54 -1.75 -15.12
N ILE A 102 -1.87 -1.63 -15.36
CA ILE A 102 -2.37 -1.34 -16.71
C ILE A 102 -1.96 0.08 -17.10
N MET A 103 -2.35 1.04 -16.27
CA MET A 103 -2.08 2.47 -16.41
C MET A 103 -0.61 2.79 -16.67
N ASP A 104 0.33 2.16 -15.95
CA ASP A 104 1.75 2.42 -16.16
C ASP A 104 2.43 1.50 -17.14
N SER A 105 1.63 0.65 -17.81
CA SER A 105 2.05 -0.28 -18.88
C SER A 105 3.15 -1.23 -18.43
N SER A 106 3.03 -1.73 -17.19
CA SER A 106 3.99 -2.61 -16.55
C SER A 106 4.02 -4.02 -17.08
N LEU A 107 5.17 -4.69 -16.87
CA LEU A 107 5.37 -6.04 -17.36
C LEU A 107 5.24 -7.03 -16.24
N THR A 108 5.85 -6.73 -15.10
CA THR A 108 5.78 -7.62 -13.96
C THR A 108 5.34 -6.95 -12.67
N ARG A 109 4.85 -7.78 -11.74
CA ARG A 109 4.37 -7.49 -10.39
C ARG A 109 4.74 -8.77 -9.62
N ARG A 110 5.49 -8.63 -8.52
CA ARG A 110 5.98 -9.77 -7.70
C ARG A 110 6.71 -10.79 -8.61
N GLY A 111 7.52 -10.27 -9.54
CA GLY A 111 8.30 -11.07 -10.48
C GLY A 111 7.49 -11.85 -11.51
N GLN A 112 6.15 -11.92 -11.34
CA GLN A 112 5.24 -12.63 -12.22
C GLN A 112 4.62 -11.67 -13.26
N ILE A 113 4.19 -12.20 -14.44
CA ILE A 113 3.52 -11.43 -15.50
C ILE A 113 2.30 -10.69 -14.87
N CYS A 114 2.09 -9.40 -15.23
CA CYS A 114 0.96 -8.61 -14.76
C CYS A 114 -0.30 -9.26 -15.28
N TRP A 115 -1.33 -9.33 -14.45
CA TRP A 115 -2.60 -9.97 -14.83
C TRP A 115 -3.06 -9.57 -16.25
N TYR A 116 -3.07 -8.25 -16.57
CA TYR A 116 -3.50 -7.75 -17.87
C TYR A 116 -2.61 -8.22 -19.04
N GLN A 117 -1.30 -8.48 -18.77
CA GLN A 117 -0.31 -8.95 -19.75
C GLN A 117 -0.49 -10.42 -20.12
N LYS A 118 -1.27 -11.19 -19.30
CA LYS A 118 -1.56 -12.61 -19.52
C LYS A 118 -2.44 -12.76 -20.77
N PRO A 119 -2.23 -13.81 -21.61
CA PRO A 119 -3.06 -13.98 -22.80
C PRO A 119 -4.54 -14.20 -22.48
N GLY A 120 -5.39 -13.52 -23.25
CA GLY A 120 -6.83 -13.57 -23.07
C GLY A 120 -7.39 -12.59 -22.06
N VAL A 121 -6.49 -11.84 -21.39
CA VAL A 121 -6.85 -10.85 -20.39
C VAL A 121 -6.86 -9.45 -21.02
N GLY A 122 -5.71 -8.81 -21.06
CA GLY A 122 -5.61 -7.47 -21.62
C GLY A 122 -6.44 -6.48 -20.85
N LEU A 123 -7.13 -5.60 -21.55
CA LEU A 123 -7.95 -4.58 -20.91
C LEU A 123 -9.21 -5.08 -20.18
N ASP A 124 -9.53 -6.39 -20.32
CA ASP A 124 -10.60 -7.04 -19.56
C ASP A 124 -10.28 -6.97 -18.08
N ALA A 125 -8.96 -6.83 -17.75
CA ALA A 125 -8.44 -6.66 -16.39
C ALA A 125 -8.97 -5.39 -15.70
N ILE A 126 -9.50 -4.41 -16.49
CA ILE A 126 -10.14 -3.18 -15.97
C ILE A 126 -11.38 -3.64 -15.16
N ASN A 127 -12.18 -4.58 -15.76
CA ASN A 127 -13.36 -5.16 -15.10
C ASN A 127 -12.96 -6.06 -13.92
N ASP A 128 -11.84 -6.80 -14.09
CA ASP A 128 -11.33 -7.70 -13.09
C ASP A 128 -10.97 -6.88 -11.86
N ALA A 129 -10.33 -5.70 -12.08
CA ALA A 129 -9.94 -4.78 -11.01
C ALA A 129 -11.16 -4.33 -10.24
N ASN A 130 -12.27 -4.05 -10.95
CA ASN A 130 -13.56 -3.63 -10.38
C ASN A 130 -14.15 -4.76 -9.56
N LEU A 131 -14.06 -6.02 -10.03
CA LEU A 131 -14.59 -7.16 -9.28
C LEU A 131 -13.85 -7.35 -7.97
N LEU A 132 -12.53 -7.11 -7.95
CA LEU A 132 -11.72 -7.16 -6.74
C LEU A 132 -12.26 -6.09 -5.81
N GLU A 133 -12.54 -4.87 -6.33
CA GLU A 133 -13.14 -3.84 -5.48
C GLU A 133 -14.53 -4.26 -4.88
N ALA A 134 -15.39 -4.86 -5.73
CA ALA A 134 -16.72 -5.33 -5.34
C ALA A 134 -16.69 -6.35 -4.19
N CYS A 135 -15.70 -7.24 -4.19
CA CYS A 135 -15.54 -8.28 -3.19
C CYS A 135 -15.32 -7.75 -1.80
N ILE A 136 -14.63 -6.58 -1.64
CA ILE A 136 -14.44 -5.97 -0.32
C ILE A 136 -15.79 -5.92 0.37
N TYR A 137 -16.76 -5.28 -0.30
CA TYR A 137 -18.10 -5.05 0.19
C TYR A 137 -18.93 -6.28 0.21
N ARG A 138 -18.68 -7.24 -0.70
CA ARG A 138 -19.43 -8.50 -0.67
C ARG A 138 -19.12 -9.25 0.64
N LEU A 139 -17.81 -9.37 0.98
CA LEU A 139 -17.32 -9.98 2.22
C LEU A 139 -17.83 -9.19 3.43
N LEU A 140 -17.65 -7.83 3.41
CA LEU A 140 -18.09 -6.95 4.49
C LEU A 140 -19.55 -7.22 4.84
N LYS A 141 -20.43 -7.34 3.80
CA LYS A 141 -21.83 -7.70 4.00
C LYS A 141 -21.96 -9.11 4.58
N LEU A 142 -21.21 -10.10 4.00
CA LEU A 142 -21.29 -11.50 4.42
C LEU A 142 -20.90 -11.80 5.87
N TYR A 143 -19.92 -11.06 6.39
CA TYR A 143 -19.38 -11.27 7.73
C TYR A 143 -19.70 -10.20 8.74
N CYS A 144 -19.90 -8.94 8.32
CA CYS A 144 -20.11 -7.86 9.29
C CYS A 144 -21.47 -7.16 9.30
N ARG A 145 -22.40 -7.52 8.39
CA ARG A 145 -23.72 -6.89 8.29
C ARG A 145 -24.35 -6.60 9.66
N GLU A 146 -24.33 -7.60 10.55
CA GLU A 146 -24.96 -7.50 11.86
C GLU A 146 -24.13 -6.82 12.95
N GLN A 147 -22.85 -6.56 12.70
CA GLN A 147 -21.93 -5.88 13.63
C GLN A 147 -22.15 -4.35 13.68
N PRO A 148 -22.02 -3.69 14.85
CA PRO A 148 -22.26 -2.23 14.91
C PRO A 148 -21.25 -1.34 14.18
N TYR A 149 -20.10 -1.88 13.79
CA TYR A 149 -19.07 -1.14 13.07
C TYR A 149 -19.19 -1.30 11.55
N TYR A 150 -20.23 -2.05 11.10
CA TYR A 150 -20.50 -2.40 9.70
C TYR A 150 -20.42 -1.20 8.75
N LEU A 151 -21.24 -0.17 8.99
CA LEU A 151 -21.28 1.06 8.21
C LEU A 151 -19.96 1.80 8.29
N ASN A 152 -19.30 1.78 9.46
CA ASN A 152 -17.98 2.41 9.68
C ASN A 152 -16.90 1.81 8.76
N LEU A 153 -16.94 0.47 8.56
CA LEU A 153 -15.97 -0.22 7.71
C LEU A 153 -16.21 0.07 6.23
N ILE A 154 -17.50 0.10 5.82
CA ILE A 154 -17.88 0.38 4.44
C ILE A 154 -17.35 1.76 4.10
N GLU A 155 -17.70 2.78 4.92
CA GLU A 155 -17.22 4.16 4.77
C GLU A 155 -15.68 4.21 4.80
N LEU A 156 -15.02 3.46 5.73
CA LEU A 156 -13.55 3.43 5.76
C LEU A 156 -12.93 2.96 4.44
N PHE A 157 -13.36 1.77 3.94
CA PHE A 157 -12.86 1.21 2.68
C PHE A 157 -13.18 2.11 1.52
N LEU A 158 -14.37 2.72 1.55
CA LEU A 158 -14.75 3.67 0.52
C LEU A 158 -13.85 4.91 0.59
N GLN A 159 -13.76 5.62 1.74
CA GLN A 159 -12.84 6.78 1.89
C GLN A 159 -11.42 6.36 1.44
N SER A 160 -10.98 5.18 1.87
CA SER A 160 -9.66 4.70 1.49
C SER A 160 -9.49 4.57 -0.04
N SER A 161 -10.49 4.03 -0.80
CA SER A 161 -10.46 3.94 -2.27
C SER A 161 -10.31 5.36 -2.82
N TYR A 162 -11.25 6.28 -2.51
CA TYR A 162 -11.20 7.69 -2.92
C TYR A 162 -9.81 8.34 -2.71
N GLN A 163 -9.22 8.21 -1.49
CA GLN A 163 -7.91 8.78 -1.12
C GLN A 163 -6.84 8.34 -2.07
N THR A 164 -6.75 7.01 -2.33
CA THR A 164 -5.78 6.38 -3.23
C THR A 164 -5.98 6.88 -4.67
N GLU A 165 -7.25 6.90 -5.10
CA GLU A 165 -7.64 7.33 -6.43
C GLU A 165 -7.22 8.78 -6.66
N ILE A 166 -7.35 9.62 -5.62
CA ILE A 166 -6.94 11.03 -5.64
C ILE A 166 -5.45 11.08 -5.73
N GLY A 167 -4.77 10.30 -4.89
CA GLY A 167 -3.31 10.20 -4.93
C GLY A 167 -2.79 9.82 -6.31
N GLN A 168 -3.44 8.80 -6.93
CA GLN A 168 -3.11 8.31 -8.25
C GLN A 168 -3.31 9.39 -9.30
N THR A 169 -4.40 10.17 -9.21
CA THR A 169 -4.64 11.28 -10.14
C THR A 169 -3.51 12.30 -10.01
N LEU A 170 -3.13 12.59 -8.77
CA LEU A 170 -2.07 13.50 -8.48
C LEU A 170 -0.76 13.02 -9.09
N ASP A 171 -0.43 11.73 -8.87
CA ASP A 171 0.78 11.11 -9.39
C ASP A 171 0.83 11.23 -10.91
N LEU A 172 -0.27 10.82 -11.55
CA LEU A 172 -0.45 10.83 -13.00
C LEU A 172 -0.29 12.23 -13.61
N LEU A 173 -0.77 13.25 -12.90
CA LEU A 173 -0.64 14.64 -13.33
C LEU A 173 0.80 15.11 -13.20
N THR A 174 1.51 14.63 -12.14
CA THR A 174 2.90 14.98 -11.81
C THR A 174 3.92 14.36 -12.79
N ALA A 175 3.85 13.02 -13.01
CA ALA A 175 4.78 12.27 -13.87
C ALA A 175 4.09 11.62 -15.09
N PRO A 176 3.72 12.40 -16.14
CA PRO A 176 3.06 11.79 -17.31
C PRO A 176 3.95 10.78 -18.08
N GLN A 177 3.30 9.91 -18.90
CA GLN A 177 3.94 8.87 -19.70
C GLN A 177 4.69 9.43 -20.92
N GLY A 178 5.81 10.11 -20.64
CA GLY A 178 6.68 10.73 -21.64
C GLY A 178 6.77 12.23 -21.51
N ASN A 179 6.97 12.71 -20.26
CA ASN A 179 7.08 14.14 -19.96
C ASN A 179 8.12 14.45 -18.92
N VAL A 180 9.30 14.89 -19.39
CA VAL A 180 10.45 15.24 -18.57
C VAL A 180 10.33 16.69 -18.05
N ASP A 181 9.46 16.87 -17.04
CA ASP A 181 9.29 18.15 -16.35
C ASP A 181 9.49 17.93 -14.87
N LEU A 182 10.37 18.73 -14.28
CA LEU A 182 10.80 18.66 -12.89
C LEU A 182 10.32 19.86 -12.06
N VAL A 183 9.52 20.74 -12.69
CA VAL A 183 8.92 21.93 -12.09
C VAL A 183 7.87 21.48 -11.06
N ARG A 184 7.07 20.46 -11.44
CA ARG A 184 6.02 19.83 -10.63
C ARG A 184 6.52 18.76 -9.64
N PHE A 185 7.85 18.56 -9.56
CA PHE A 185 8.47 17.58 -8.68
C PHE A 185 8.80 18.09 -7.27
N THR A 186 8.12 19.16 -6.82
CA THR A 186 8.26 19.79 -5.49
C THR A 186 8.05 18.80 -4.33
N GLU A 187 8.67 19.07 -3.15
CA GLU A 187 8.52 18.22 -1.96
C GLU A 187 7.08 18.23 -1.46
N LYS A 188 6.40 19.40 -1.57
CA LYS A 188 5.00 19.54 -1.17
C LYS A 188 4.09 18.56 -1.95
N ARG A 189 4.44 18.32 -3.24
CA ARG A 189 3.75 17.41 -4.17
C ARG A 189 4.11 16.00 -3.83
N TYR A 190 5.42 15.73 -3.58
CA TYR A 190 5.87 14.39 -3.24
C TYR A 190 5.13 13.93 -1.97
N LYS A 191 5.19 14.77 -0.92
CA LYS A 191 4.50 14.51 0.33
C LYS A 191 2.98 14.27 0.12
N SER A 192 2.36 15.05 -0.78
CA SER A 192 0.94 14.92 -1.12
C SER A 192 0.58 13.61 -1.82
N ILE A 193 1.37 13.22 -2.86
CA ILE A 193 1.16 11.98 -3.58
C ILE A 193 1.20 10.80 -2.57
N VAL A 194 2.24 10.78 -1.71
CA VAL A 194 2.47 9.77 -0.67
C VAL A 194 1.32 9.65 0.34
N LYS A 195 0.73 10.78 0.76
CA LYS A 195 -0.38 10.75 1.73
C LYS A 195 -1.60 10.06 1.11
N TYR A 196 -1.96 10.49 -0.08
CA TYR A 196 -3.13 10.02 -0.76
C TYR A 196 -3.02 8.62 -1.39
N LYS A 197 -1.97 8.39 -2.23
CA LYS A 197 -1.77 7.14 -2.96
C LYS A 197 -1.32 5.92 -2.13
N THR A 198 -0.60 6.14 -1.01
CA THR A 198 -0.04 5.05 -0.20
C THR A 198 -0.33 5.06 1.32
N ALA A 199 0.07 6.14 2.02
CA ALA A 199 0.02 6.27 3.48
C ALA A 199 -1.35 5.97 4.07
N PHE A 200 -2.40 6.51 3.45
CA PHE A 200 -3.76 6.32 3.92
C PHE A 200 -4.19 4.88 3.86
N TYR A 201 -4.18 4.29 2.69
CA TYR A 201 -4.59 2.90 2.54
C TYR A 201 -3.65 1.91 3.19
N SER A 202 -2.32 2.15 3.17
CA SER A 202 -1.33 1.21 3.74
C SER A 202 -1.20 1.19 5.26
N PHE A 203 -1.36 2.35 5.93
CA PHE A 203 -1.16 2.47 7.37
C PHE A 203 -2.38 2.89 8.14
N TYR A 204 -3.13 3.85 7.62
CA TYR A 204 -4.34 4.26 8.32
C TYR A 204 -5.42 3.20 8.21
N LEU A 205 -5.82 2.82 6.98
CA LEU A 205 -6.85 1.80 6.75
C LEU A 205 -6.72 0.51 7.60
N PRO A 206 -5.56 -0.20 7.66
CA PRO A 206 -5.51 -1.45 8.44
C PRO A 206 -5.73 -1.36 9.97
N ILE A 207 -5.13 -0.34 10.61
CA ILE A 207 -5.24 -0.09 12.05
C ILE A 207 -6.61 0.42 12.36
N ALA A 208 -7.13 1.35 11.51
CA ALA A 208 -8.45 1.96 11.61
C ALA A 208 -9.56 0.91 11.56
N ALA A 209 -9.42 -0.09 10.66
CA ALA A 209 -10.37 -1.20 10.55
C ALA A 209 -10.42 -1.96 11.89
N ALA A 210 -9.25 -2.40 12.39
CA ALA A 210 -9.17 -3.06 13.71
C ALA A 210 -9.84 -2.20 14.81
N MET A 211 -9.54 -0.88 14.87
CA MET A 211 -10.10 0.07 15.82
C MET A 211 -11.64 0.00 15.84
N TYR A 212 -12.27 0.16 14.66
CA TYR A 212 -13.74 0.08 14.52
C TYR A 212 -14.30 -1.26 15.04
N MET A 213 -13.60 -2.37 14.71
CA MET A 213 -13.97 -3.72 15.12
C MET A 213 -13.87 -3.85 16.65
N ALA A 214 -12.92 -3.12 17.26
CA ALA A 214 -12.70 -3.11 18.70
C ALA A 214 -13.71 -2.20 19.46
N GLY A 215 -14.43 -1.36 18.73
CA GLY A 215 -15.37 -0.40 19.30
C GLY A 215 -14.80 1.01 19.33
N ILE A 216 -13.53 1.16 18.92
CA ILE A 216 -12.86 2.45 18.90
C ILE A 216 -13.28 3.20 17.64
N ASP A 217 -14.40 3.95 17.75
CA ASP A 217 -14.97 4.71 16.63
C ASP A 217 -14.86 6.24 16.72
N GLY A 218 -14.37 6.75 17.84
CA GLY A 218 -14.20 8.17 18.09
C GLY A 218 -13.32 8.90 17.09
N GLU A 219 -13.79 10.09 16.62
CA GLU A 219 -13.09 10.94 15.66
C GLU A 219 -11.70 11.32 16.14
N LYS A 220 -11.57 11.67 17.44
CA LYS A 220 -10.30 12.03 18.05
C LYS A 220 -9.29 10.88 18.05
N GLU A 221 -9.72 9.65 18.43
CA GLU A 221 -8.87 8.43 18.46
C GLU A 221 -8.38 8.12 17.06
N HIS A 222 -9.26 8.31 16.08
CA HIS A 222 -8.92 8.10 14.69
C HIS A 222 -8.03 9.18 14.18
N ALA A 223 -8.26 10.45 14.57
CA ALA A 223 -7.39 11.59 14.21
C ALA A 223 -6.00 11.36 14.80
N ASN A 224 -5.95 10.93 16.06
CA ASN A 224 -4.68 10.66 16.74
C ASN A 224 -3.96 9.55 16.02
N ALA A 225 -4.68 8.45 15.66
CA ALA A 225 -4.09 7.32 14.96
C ALA A 225 -3.64 7.71 13.54
N LYS A 226 -4.49 8.49 12.82
CA LYS A 226 -4.25 9.04 11.48
C LYS A 226 -2.95 9.87 11.54
N LYS A 227 -2.78 10.74 12.58
CA LYS A 227 -1.58 11.58 12.76
C LYS A 227 -0.33 10.69 12.71
N ILE A 228 -0.26 9.65 13.57
CA ILE A 228 0.86 8.70 13.68
C ILE A 228 1.08 7.92 12.38
N LEU A 229 0.01 7.27 11.86
CA LEU A 229 0.06 6.36 10.71
C LEU A 229 0.43 6.97 9.38
N LEU A 230 -0.08 8.16 9.09
CA LEU A 230 0.24 8.90 7.87
C LEU A 230 1.73 9.29 7.81
N GLU A 231 2.34 9.64 8.97
CA GLU A 231 3.79 9.92 9.05
C GLU A 231 4.60 8.64 8.81
N MET A 232 4.10 7.47 9.32
CA MET A 232 4.73 6.16 9.06
C MET A 232 4.61 5.86 7.57
N GLY A 233 3.49 6.24 6.99
CA GLY A 233 3.27 6.10 5.56
C GLY A 233 4.32 6.82 4.75
N GLU A 234 4.57 8.11 5.11
CA GLU A 234 5.53 9.02 4.50
C GLU A 234 6.93 8.43 4.50
N PHE A 235 7.38 7.89 5.66
CA PHE A 235 8.70 7.29 5.75
C PHE A 235 8.80 6.03 4.87
N PHE A 236 7.80 5.14 4.97
CA PHE A 236 7.75 3.88 4.25
C PHE A 236 8.08 4.08 2.77
N GLN A 237 7.39 5.03 2.12
CA GLN A 237 7.59 5.38 0.72
C GLN A 237 8.94 6.05 0.48
N ILE A 238 9.40 6.94 1.39
CA ILE A 238 10.72 7.58 1.26
C ILE A 238 11.83 6.52 1.26
N GLN A 239 11.77 5.54 2.20
CA GLN A 239 12.67 4.40 2.32
C GLN A 239 12.56 3.50 1.07
N ASP A 240 11.32 3.30 0.56
CA ASP A 240 11.04 2.52 -0.64
C ASP A 240 11.76 3.08 -1.88
N ASP A 241 11.78 4.42 -1.99
CA ASP A 241 12.44 5.20 -3.04
C ASP A 241 13.94 5.19 -2.86
N TYR A 242 14.41 5.22 -1.59
CA TYR A 242 15.85 5.16 -1.34
C TYR A 242 16.35 3.79 -1.74
N LEU A 243 15.70 2.74 -1.20
CA LEU A 243 16.04 1.35 -1.45
C LEU A 243 15.92 0.97 -2.91
N ASP A 244 15.01 1.63 -3.65
CA ASP A 244 14.84 1.40 -5.09
C ASP A 244 16.18 1.54 -5.82
N LEU A 245 16.96 2.60 -5.51
CA LEU A 245 18.25 2.82 -6.14
C LEU A 245 19.46 2.33 -5.34
N PHE A 246 19.48 2.56 -4.03
CA PHE A 246 20.65 2.21 -3.22
C PHE A 246 20.55 0.92 -2.39
N GLY A 247 19.43 0.21 -2.51
CA GLY A 247 19.25 -1.04 -1.78
C GLY A 247 20.02 -2.18 -2.39
N ASP A 248 20.36 -3.19 -1.58
CA ASP A 248 21.03 -4.39 -2.06
C ASP A 248 19.92 -5.25 -2.71
N PRO A 249 19.97 -5.51 -4.02
CA PRO A 249 18.87 -6.25 -4.67
C PRO A 249 18.63 -7.70 -4.21
N SER A 250 19.56 -8.26 -3.40
CA SER A 250 19.46 -9.60 -2.81
C SER A 250 18.39 -9.53 -1.70
N VAL A 251 18.63 -8.69 -0.68
CA VAL A 251 17.76 -8.48 0.48
C VAL A 251 16.43 -7.82 0.06
N THR A 252 16.51 -6.81 -0.85
CA THR A 252 15.33 -6.10 -1.35
C THR A 252 14.42 -6.99 -2.21
N GLY A 253 15.03 -7.87 -3.02
CA GLY A 253 14.31 -8.77 -3.91
C GLY A 253 13.69 -8.04 -5.08
N LYS A 254 14.31 -6.91 -5.47
CA LYS A 254 13.93 -6.02 -6.57
C LYS A 254 15.11 -5.15 -7.06
N ILE A 255 15.12 -4.80 -8.36
CA ILE A 255 16.18 -3.99 -8.97
C ILE A 255 15.58 -2.62 -9.39
N GLY A 256 16.43 -1.57 -9.34
CA GLY A 256 16.11 -0.17 -9.66
C GLY A 256 15.39 0.10 -10.96
N THR A 257 14.21 0.76 -10.87
CA THR A 257 13.35 1.11 -12.01
C THR A 257 13.05 2.61 -12.08
N ASP A 258 12.91 3.25 -10.90
CA ASP A 258 12.55 4.66 -10.66
C ASP A 258 12.94 5.74 -11.67
N ILE A 259 14.24 6.00 -11.85
CA ILE A 259 14.75 7.03 -12.76
C ILE A 259 14.31 6.80 -14.21
N GLN A 260 14.40 5.53 -14.69
CA GLN A 260 14.01 5.08 -16.03
C GLN A 260 12.53 5.35 -16.31
N ASP A 261 11.72 5.42 -15.25
CA ASP A 261 10.28 5.59 -15.33
C ASP A 261 9.75 7.02 -15.02
N ASN A 262 10.66 8.05 -14.95
CA ASN A 262 10.35 9.47 -14.67
C ASN A 262 9.53 9.65 -13.34
N LYS A 263 9.73 8.72 -12.34
CA LYS A 263 9.00 8.71 -11.05
C LYS A 263 9.35 9.90 -10.18
N CYS A 264 8.34 10.48 -9.51
CA CYS A 264 8.54 11.57 -8.56
C CYS A 264 8.96 10.85 -7.28
N SER A 265 10.23 10.43 -7.23
CA SER A 265 10.84 9.71 -6.12
C SER A 265 11.38 10.73 -5.15
N TRP A 266 11.60 10.32 -3.88
CA TRP A 266 12.17 11.19 -2.89
C TRP A 266 13.58 11.66 -3.33
N LEU A 267 14.36 10.73 -3.92
CA LEU A 267 15.71 11.00 -4.36
C LEU A 267 15.81 12.21 -5.31
N VAL A 268 14.99 12.23 -6.40
CA VAL A 268 14.95 13.32 -7.39
C VAL A 268 14.56 14.64 -6.73
N VAL A 269 13.49 14.62 -5.89
CA VAL A 269 12.97 15.74 -5.10
C VAL A 269 14.14 16.42 -4.33
N GLN A 270 14.95 15.60 -3.62
CA GLN A 270 16.09 16.07 -2.84
C GLN A 270 17.19 16.57 -3.77
N CYS A 271 17.44 15.81 -4.85
CA CYS A 271 18.42 16.16 -5.86
C CYS A 271 18.11 17.55 -6.43
N LEU A 272 16.82 17.79 -6.81
CA LEU A 272 16.28 19.05 -7.31
C LEU A 272 16.33 20.18 -6.29
N GLN A 273 16.21 19.85 -4.99
CA GLN A 273 16.27 20.84 -3.91
C GLN A 273 17.70 21.34 -3.71
N ARG A 274 18.68 20.45 -3.92
CA ARG A 274 20.11 20.71 -3.74
C ARG A 274 20.86 20.48 -5.06
N ALA A 275 20.70 21.39 -6.06
CA ALA A 275 21.36 21.25 -7.37
C ALA A 275 21.68 22.60 -8.02
N THR A 276 22.94 22.76 -8.47
CA THR A 276 23.43 23.95 -9.18
C THR A 276 22.71 24.04 -10.53
N PRO A 277 22.58 25.22 -11.19
CA PRO A 277 21.88 25.28 -12.50
C PRO A 277 22.33 24.24 -13.53
N GLU A 278 23.64 23.92 -13.53
CA GLU A 278 24.25 22.90 -14.41
C GLU A 278 23.85 21.51 -13.96
N GLN A 279 23.82 21.26 -12.62
CA GLN A 279 23.37 20.00 -12.03
C GLN A 279 21.88 19.73 -12.38
N TYR A 280 21.07 20.81 -12.52
CA TYR A 280 19.65 20.74 -12.93
C TYR A 280 19.58 20.21 -14.37
N GLN A 281 20.44 20.76 -15.26
CA GLN A 281 20.55 20.38 -16.68
C GLN A 281 21.03 18.94 -16.85
N ILE A 282 22.04 18.51 -16.04
CA ILE A 282 22.59 17.15 -16.02
C ILE A 282 21.44 16.16 -15.76
N LEU A 283 20.54 16.52 -14.82
CA LEU A 283 19.37 15.74 -14.48
C LEU A 283 18.33 15.83 -15.58
N LYS A 284 18.02 17.06 -16.05
CA LYS A 284 17.06 17.35 -17.11
C LYS A 284 17.22 16.42 -18.34
N GLU A 285 18.46 15.88 -18.54
CA GLU A 285 18.85 14.97 -19.62
C GLU A 285 18.61 13.48 -19.26
N ASN A 286 19.47 12.94 -18.37
CA ASN A 286 19.54 11.54 -17.95
C ASN A 286 18.28 10.93 -17.29
N TYR A 287 17.37 11.76 -16.75
CA TYR A 287 16.15 11.28 -16.09
C TYR A 287 15.08 10.86 -17.10
N GLY A 288 14.44 9.72 -16.83
CA GLY A 288 13.40 9.14 -17.67
C GLY A 288 13.94 8.31 -18.81
N GLN A 289 15.26 8.03 -18.80
CA GLN A 289 15.94 7.29 -19.87
C GLN A 289 16.20 5.83 -19.50
N LYS A 290 15.90 4.92 -20.46
CA LYS A 290 16.08 3.47 -20.32
C LYS A 290 17.56 3.02 -20.39
N GLU A 291 18.43 3.86 -20.99
CA GLU A 291 19.85 3.57 -21.21
C GLU A 291 20.66 3.52 -19.92
N ALA A 292 21.29 2.35 -19.66
CA ALA A 292 22.13 2.06 -18.48
C ALA A 292 23.27 3.05 -18.28
N GLU A 293 23.75 3.67 -19.37
CA GLU A 293 24.81 4.69 -19.40
C GLU A 293 24.28 5.99 -18.77
N LYS A 294 22.98 6.30 -19.01
CA LYS A 294 22.26 7.47 -18.52
C LYS A 294 21.76 7.29 -17.07
N VAL A 295 21.29 6.06 -16.73
CA VAL A 295 20.81 5.68 -15.38
C VAL A 295 21.97 5.76 -14.38
N ALA A 296 23.18 5.36 -14.83
CA ALA A 296 24.41 5.38 -14.04
C ALA A 296 24.81 6.80 -13.66
N ARG A 297 24.55 7.77 -14.56
CA ARG A 297 24.88 9.18 -14.39
C ARG A 297 24.12 9.85 -13.25
N VAL A 298 22.79 9.56 -13.14
CA VAL A 298 21.89 10.08 -12.09
C VAL A 298 22.34 9.49 -10.73
N LYS A 299 22.47 8.14 -10.67
CA LYS A 299 22.95 7.37 -9.52
C LYS A 299 24.20 8.05 -8.98
N ALA A 300 25.13 8.42 -9.89
CA ALA A 300 26.38 9.13 -9.62
C ALA A 300 26.18 10.56 -9.13
N LEU A 301 25.15 11.29 -9.65
CA LEU A 301 24.87 12.66 -9.22
C LEU A 301 24.26 12.67 -7.83
N TYR A 302 23.37 11.71 -7.54
CA TYR A 302 22.73 11.55 -6.24
C TYR A 302 23.81 11.32 -5.18
N GLU A 303 24.75 10.38 -5.50
CA GLU A 303 25.88 10.00 -4.67
C GLU A 303 26.74 11.22 -4.37
N GLU A 304 27.02 12.03 -5.42
CA GLU A 304 27.82 13.26 -5.36
C GLU A 304 27.18 14.26 -4.39
N LEU A 305 25.83 14.27 -4.37
CA LEU A 305 25.03 15.13 -3.51
C LEU A 305 24.78 14.53 -2.10
N ASP A 306 25.48 13.41 -1.78
CA ASP A 306 25.43 12.70 -0.49
C ASP A 306 24.01 12.42 0.03
N LEU A 307 23.10 12.02 -0.90
CA LEU A 307 21.72 11.64 -0.62
C LEU A 307 21.63 10.39 0.29
N PRO A 308 22.47 9.32 0.11
CA PRO A 308 22.45 8.20 1.07
C PRO A 308 22.63 8.64 2.53
N ALA A 309 23.42 9.71 2.74
CA ALA A 309 23.69 10.36 4.02
C ALA A 309 22.51 11.24 4.41
N VAL A 310 21.89 11.95 3.41
CA VAL A 310 20.71 12.80 3.58
C VAL A 310 19.53 11.89 3.98
N PHE A 311 19.50 10.66 3.42
CA PHE A 311 18.49 9.65 3.77
C PHE A 311 18.73 9.12 5.17
N LEU A 312 20.00 8.77 5.51
CA LEU A 312 20.35 8.23 6.83
C LEU A 312 19.90 9.21 7.89
N GLN A 313 20.22 10.52 7.69
CA GLN A 313 19.85 11.60 8.58
C GLN A 313 18.34 11.66 8.68
N TYR A 314 17.63 11.59 7.54
CA TYR A 314 16.16 11.59 7.49
C TYR A 314 15.57 10.42 8.29
N GLU A 315 16.14 9.19 8.15
CA GLU A 315 15.66 8.01 8.85
C GLU A 315 15.73 8.21 10.37
N GLU A 316 16.86 8.78 10.84
CA GLU A 316 17.12 9.07 12.26
C GLU A 316 16.07 10.05 12.79
N ASP A 317 15.93 11.21 12.13
CA ASP A 317 14.96 12.22 12.53
C ASP A 317 13.54 11.68 12.50
N SER A 318 13.20 10.87 11.46
CA SER A 318 11.87 10.28 11.23
C SER A 318 11.49 9.33 12.35
N TYR A 319 12.37 8.41 12.72
CA TYR A 319 12.11 7.48 13.81
C TYR A 319 11.94 8.26 15.12
N SER A 320 12.77 9.28 15.35
CA SER A 320 12.73 10.19 16.48
C SER A 320 11.36 10.90 16.50
N HIS A 321 10.85 11.29 15.30
CA HIS A 321 9.56 11.96 15.12
C HIS A 321 8.37 11.02 15.39
N ILE A 322 8.40 9.79 14.83
CA ILE A 322 7.33 8.79 15.03
C ILE A 322 7.18 8.46 16.52
N MET A 323 8.30 8.37 17.27
CA MET A 323 8.27 8.05 18.69
C MET A 323 7.56 9.18 19.45
N ALA A 324 7.82 10.44 19.04
CA ALA A 324 7.20 11.63 19.61
C ALA A 324 5.70 11.59 19.36
N LEU A 325 5.28 11.16 18.16
CA LEU A 325 3.87 11.01 17.80
C LEU A 325 3.22 9.90 18.62
N ILE A 326 3.90 8.71 18.70
CA ILE A 326 3.42 7.58 19.49
C ILE A 326 3.20 8.01 20.95
N GLU A 327 4.15 8.76 21.53
CA GLU A 327 4.07 9.29 22.89
C GLU A 327 2.78 10.16 23.04
N GLN A 328 2.61 11.14 22.14
CA GLN A 328 1.51 12.11 22.13
C GLN A 328 0.13 11.58 21.74
N TYR A 329 0.02 10.73 20.71
CA TYR A 329 -1.27 10.30 20.14
C TYR A 329 -1.71 8.85 20.31
N ALA A 330 -0.83 7.93 20.74
CA ALA A 330 -1.25 6.53 20.89
C ALA A 330 -2.32 6.38 21.94
N ALA A 331 -2.19 7.08 23.10
CA ALA A 331 -3.15 7.08 24.20
C ALA A 331 -4.54 7.45 23.64
N PRO A 332 -5.62 6.71 24.01
CA PRO A 332 -5.70 5.61 24.98
C PRO A 332 -5.46 4.20 24.40
N LEU A 333 -5.05 4.09 23.11
CA LEU A 333 -4.77 2.80 22.48
C LEU A 333 -3.47 2.22 23.06
N PRO A 334 -3.20 0.90 22.90
CA PRO A 334 -1.92 0.36 23.40
C PRO A 334 -0.77 0.81 22.50
N PRO A 335 0.24 1.59 22.98
CA PRO A 335 1.36 2.00 22.11
C PRO A 335 1.91 0.89 21.24
N ALA A 336 1.89 -0.38 21.72
CA ALA A 336 2.37 -1.58 21.01
C ALA A 336 1.79 -1.74 19.61
N VAL A 337 0.55 -1.25 19.40
CA VAL A 337 -0.17 -1.24 18.12
C VAL A 337 0.74 -0.55 17.09
N PHE A 338 1.24 0.65 17.46
CA PHE A 338 2.11 1.50 16.66
C PHE A 338 3.54 1.09 16.73
N LEU A 339 4.01 0.71 17.92
CA LEU A 339 5.41 0.30 18.10
C LEU A 339 5.77 -0.91 17.24
N GLY A 340 4.87 -1.90 17.21
CA GLY A 340 5.02 -3.11 16.42
C GLY A 340 5.18 -2.82 14.95
N LEU A 341 4.32 -1.92 14.43
CA LEU A 341 4.34 -1.48 13.05
C LEU A 341 5.63 -0.75 12.71
N ALA A 342 6.05 0.22 13.55
CA ALA A 342 7.28 1.00 13.36
C ALA A 342 8.54 0.09 13.28
N ARG A 343 8.62 -0.94 14.16
CA ARG A 343 9.73 -1.88 14.17
C ARG A 343 9.89 -2.61 12.84
N LYS A 344 8.76 -2.99 12.23
CA LYS A 344 8.69 -3.70 10.96
C LYS A 344 9.07 -2.79 9.77
N ILE A 345 8.78 -1.49 9.89
CA ILE A 345 9.06 -0.51 8.84
C ILE A 345 10.49 0.00 8.91
N TYR A 346 10.96 0.40 10.10
CA TYR A 346 12.30 0.94 10.28
C TYR A 346 13.43 -0.13 10.30
N LYS A 347 14.31 -0.07 9.29
CA LYS A 347 15.46 -0.97 9.09
C LYS A 347 15.19 -2.47 9.32
C7 59Z B . 10.72 -6.62 5.34
C17 59Z B . 4.10 -3.21 5.93
C21 59Z B . 4.60 -4.87 8.26
C24 59Z B . 6.74 -5.59 6.92
C26 59Z B . 2.08 -2.40 7.07
C28 59Z B . 1.77 -1.55 6.00
P1 59Z B . 10.46 -8.42 5.37
O2 59Z B . 9.09 -8.89 5.01
O3 59Z B . 11.64 -8.94 4.42
O5 59Z B . 10.93 -8.93 6.81
N10 59Z B . 9.54 -5.92 5.87
C12 59Z B . 8.39 -5.81 5.15
O13 59Z B . 8.27 -6.28 4.03
C14 59Z B . 7.19 -5.16 5.74
N15 59Z B . 6.33 -4.31 5.18
C16 59Z B . 5.27 -4.05 6.02
C18 59Z B . 3.21 -3.23 7.05
C19 59Z B . 3.46 -4.07 8.17
C23 59Z B . 5.47 -4.83 7.17
C30 59Z B . 2.62 -1.53 4.88
C32 59Z B . 3.76 -2.34 4.87
C34 59Z B . 6.51 -3.72 3.84
C37 59Z B . 5.65 -4.35 2.76
O38 59Z B . 4.84 -5.25 2.95
O39 59Z B . 5.85 -3.81 1.55
P PO4 C . 2.96 -6.66 -1.38
O1 PO4 C . 1.98 -7.41 -2.32
O2 PO4 C . 2.98 -5.15 -1.82
O3 PO4 C . 4.39 -7.28 -1.50
O4 PO4 C . 2.48 -6.79 0.13
#